data_1S0J
#
_entry.id   1S0J
#
_cell.length_a   54.373
_cell.length_b   129.423
_cell.length_c   54.234
_cell.angle_alpha   90.00
_cell.angle_beta   108.33
_cell.angle_gamma   90.00
#
_symmetry.space_group_name_H-M   'P 1 21 1'
#
loop_
_entity.id
_entity.type
_entity.pdbx_description
1 polymer trans-sialidase
2 non-polymer '4-METHYL-2-OXO-2H-CHROMEN-7-YL 5-(ACETYLAMINO)-3,5-DIDEOXY-L-ERYTHRO-NON-2-ULOPYRANOSIDONIC ACID'
3 water water
#
_entity_poly.entity_id   1
_entity_poly.type   'polypeptide(L)'
_entity_poly.pdbx_seq_one_letter_code
;MGGSHHHHHHGMASLAPGSSRVELFKRQSSKVPFEKDGKVTERVVHSFRLPALVNVDGVMVAIADARYETSFANSLIDTV
AKYSVDDGETWETQIAIKNSRASSVSRVVDPTVIVKGNKLYVLVGSYNSSRSYWTSHGDARDWDILLAVGEVTKSTAGGK
ITASIKWGSPVSLKEFFPAEMEGMHTNQFLGGAGVAIVASNGNLVYPVQVTNKKKQVFSKIFYSEDEGKTWKFGKGRSAF
GCSEPVALEWEGKLIINTRVDYRRRLVYESSDMGNTWLEAVGTLSRVWGPSPKSNQPGSQSSFTAVTIEGMRVMLFTHPL
NFKGRWLRDRLNLWLTDNQRIYNVGQVSIGDENSAYSSVLYKDDKLYCLHEINSNEVYSLVFARLVGELRIIKSVLQSWK
NWDSHLSSICTPADPAASSSERGCGPAVTTVGLVGFLSHSATKTEWEDAYRCVNASTANAERVPNGLKFAGVGGGALWPV
SQQGQNQRYHFANHAFTLVASVTIHEVPKGASPLLGASLDSSGGKKLLGLSYDKRHQWQPIYGSTPVTPTGSWEMGKRYH
VVLTMANKIGSVYIDGEPLEGSGQTVVPDERTPDISHFYVGGYKRSGMPTDSRVTVNNVLLYNRQLNAEEIRTLFLSQDL
IGTEAHMD
;
_entity_poly.pdbx_strand_id   A
#
loop_
_chem_comp.id
_chem_comp.type
_chem_comp.name
_chem_comp.formula
MUS non-polymer '4-METHYL-2-OXO-2H-CHROMEN-7-YL 5-(ACETYLAMINO)-3,5-DIDEOXY-L-ERYTHRO-NON-2-ULOPYRANOSIDONIC ACID' 'C21 H25 N O11'
#
# COMPACT_ATOMS: atom_id res chain seq x y z
N LEU A 15 8.37 -17.39 1.00
CA LEU A 15 9.62 -16.81 1.57
C LEU A 15 10.71 -16.89 0.50
N ALA A 16 11.39 -15.77 0.22
CA ALA A 16 12.36 -15.70 -0.88
C ALA A 16 13.58 -16.56 -0.71
N PRO A 17 14.26 -16.85 -1.82
CA PRO A 17 15.49 -17.64 -1.78
C PRO A 17 16.51 -16.87 -1.00
N GLY A 18 17.21 -17.52 -0.07
CA GLY A 18 18.21 -16.86 0.74
C GLY A 18 17.63 -16.49 2.10
N SER A 19 16.31 -16.41 2.15
CA SER A 19 15.61 -16.07 3.38
C SER A 19 15.35 -17.31 4.25
N SER A 20 15.16 -17.09 5.53
CA SER A 20 14.91 -18.21 6.43
C SER A 20 14.13 -17.73 7.61
N ARG A 21 13.63 -18.66 8.40
CA ARG A 21 12.88 -18.27 9.60
C ARG A 21 12.93 -19.33 10.70
N VAL A 22 12.53 -18.92 11.89
CA VAL A 22 12.34 -19.87 12.99
C VAL A 22 10.99 -19.59 13.61
N GLU A 23 10.46 -20.58 14.32
CA GLU A 23 9.26 -20.32 15.11
C GLU A 23 9.70 -19.67 16.42
N LEU A 24 9.44 -18.37 16.60
CA LEU A 24 9.98 -17.65 17.77
C LEU A 24 9.07 -17.69 18.99
N PHE A 25 7.81 -17.33 18.79
CA PHE A 25 6.82 -17.43 19.84
C PHE A 25 6.05 -18.71 19.48
N LYS A 26 6.38 -19.81 20.18
CA LYS A 26 5.87 -21.14 19.75
C LYS A 26 4.60 -21.52 20.47
N ARG A 27 3.51 -21.66 19.70
CA ARG A 27 2.22 -21.99 20.29
C ARG A 27 2.33 -23.30 21.08
N GLN A 28 1.62 -23.33 22.20
CA GLN A 28 1.56 -24.48 23.13
C GLN A 28 2.92 -25.00 23.55
N SER A 29 3.92 -24.13 23.54
CA SER A 29 5.25 -24.56 23.90
C SER A 29 6.01 -23.48 24.65
N SER A 30 6.14 -22.29 24.03
CA SER A 30 6.84 -21.20 24.71
C SER A 30 6.15 -20.83 26.03
N LYS A 31 6.96 -20.52 27.04
CA LYS A 31 6.45 -20.13 28.35
C LYS A 31 6.75 -18.67 28.61
N VAL A 32 5.92 -18.05 29.43
CA VAL A 32 6.11 -16.67 29.83
C VAL A 32 5.94 -16.61 31.35
N PRO A 33 6.54 -15.62 31.98
CA PRO A 33 6.43 -15.48 33.44
C PRO A 33 5.07 -14.91 33.85
N PHE A 34 4.15 -15.82 34.15
CA PHE A 34 2.79 -15.44 34.54
C PHE A 34 2.69 -15.04 36.00
N GLU A 35 2.29 -13.80 36.23
CA GLU A 35 2.22 -13.25 37.57
C GLU A 35 0.79 -13.19 38.07
N LYS A 36 0.55 -13.74 39.26
CA LYS A 36 -0.80 -13.66 39.84
C LYS A 36 -0.68 -13.71 41.35
N ASP A 37 -1.31 -12.75 42.04
CA ASP A 37 -1.31 -12.71 43.50
C ASP A 37 0.09 -12.76 44.12
N GLY A 38 1.04 -12.05 43.53
CA GLY A 38 2.40 -11.99 44.06
C GLY A 38 3.30 -13.15 43.74
N LYS A 39 2.80 -14.12 43.01
CA LYS A 39 3.58 -15.28 42.66
C LYS A 39 3.78 -15.31 41.14
N VAL A 40 4.96 -15.73 40.69
CA VAL A 40 5.22 -15.81 39.27
C VAL A 40 5.54 -17.24 38.90
N THR A 41 4.91 -17.72 37.84
CA THR A 41 5.20 -19.08 37.37
C THR A 41 5.40 -19.08 35.87
N GLU A 42 6.31 -19.92 35.39
CA GLU A 42 6.53 -20.07 33.93
C GLU A 42 5.34 -20.85 33.40
N ARG A 43 4.58 -20.22 32.50
CA ARG A 43 3.31 -20.78 32.02
C ARG A 43 3.30 -20.90 30.51
N VAL A 44 2.91 -22.08 30.00
CA VAL A 44 2.82 -22.32 28.58
C VAL A 44 1.67 -21.48 28.01
N VAL A 45 1.85 -20.93 26.81
CA VAL A 45 0.84 -20.08 26.17
C VAL A 45 0.24 -20.82 24.95
N HIS A 46 -1.07 -20.78 24.84
CA HIS A 46 -1.78 -21.41 23.73
C HIS A 46 -1.42 -20.75 22.39
N SER A 47 -1.61 -19.43 22.30
CA SER A 47 -1.36 -18.76 21.05
C SER A 47 -0.73 -17.39 21.25
N PHE A 48 0.07 -17.00 20.28
CA PHE A 48 0.70 -15.69 20.29
C PHE A 48 0.21 -14.95 19.04
N ARG A 49 -0.30 -13.72 19.22
CA ARG A 49 -0.83 -12.96 18.07
C ARG A 49 -0.36 -11.53 18.17
N LEU A 50 -0.70 -10.74 17.16
CA LEU A 50 -0.52 -9.26 17.22
C LEU A 50 0.94 -8.85 17.30
N PRO A 51 1.74 -9.30 16.35
CA PRO A 51 3.20 -8.99 16.36
C PRO A 51 3.54 -7.52 16.14
N ALA A 52 4.54 -7.05 16.89
CA ALA A 52 5.11 -5.73 16.68
C ALA A 52 6.60 -5.94 16.87
N LEU A 53 7.38 -5.60 15.87
CA LEU A 53 8.80 -5.86 15.91
C LEU A 53 9.53 -4.53 15.71
N VAL A 54 10.35 -4.13 16.68
CA VAL A 54 10.97 -2.79 16.60
C VAL A 54 12.43 -2.81 16.98
N ASN A 55 13.11 -1.69 16.74
CA ASN A 55 14.49 -1.54 17.11
C ASN A 55 14.57 -0.42 18.11
N VAL A 56 15.01 -0.71 19.33
CA VAL A 56 15.22 0.34 20.32
C VAL A 56 16.72 0.53 20.48
N ASP A 57 17.26 1.48 19.71
CA ASP A 57 18.70 1.79 19.62
C ASP A 57 19.60 0.56 19.72
N GLY A 58 19.38 -0.42 18.85
CA GLY A 58 20.23 -1.59 18.81
C GLY A 58 19.64 -2.84 19.40
N VAL A 59 18.62 -2.68 20.21
CA VAL A 59 18.00 -3.84 20.84
C VAL A 59 16.71 -4.13 20.10
N MET A 60 16.63 -5.34 19.55
CA MET A 60 15.42 -5.76 18.83
C MET A 60 14.39 -6.16 19.86
N VAL A 61 13.15 -5.69 19.72
CA VAL A 61 12.11 -6.04 20.68
C VAL A 61 10.87 -6.50 19.93
N ALA A 62 10.34 -7.66 20.33
CA ALA A 62 9.17 -8.23 19.70
C ALA A 62 8.09 -8.28 20.77
N ILE A 63 7.01 -7.55 20.51
CA ILE A 63 5.87 -7.47 21.39
C ILE A 63 4.69 -8.19 20.78
N ALA A 64 3.91 -8.86 21.60
CA ALA A 64 2.77 -9.62 21.07
C ALA A 64 1.77 -9.88 22.16
N ASP A 65 0.60 -10.39 21.76
CA ASP A 65 -0.38 -10.90 22.72
C ASP A 65 0.05 -12.29 23.11
N ALA A 66 -0.03 -12.59 24.40
CA ALA A 66 0.15 -13.98 24.88
C ALA A 66 -1.27 -14.41 25.28
N ARG A 67 -1.89 -15.24 24.43
CA ARG A 67 -3.27 -15.68 24.70
C ARG A 67 -3.11 -17.04 25.38
N TYR A 68 -3.24 -17.03 26.69
CA TYR A 68 -2.86 -18.20 27.49
C TYR A 68 -3.61 -19.49 27.23
N GLU A 69 -4.91 -19.36 27.06
CA GLU A 69 -5.80 -20.53 27.04
C GLU A 69 -6.47 -20.89 25.71
N THR A 70 -6.61 -19.90 24.83
CA THR A 70 -7.30 -20.09 23.56
C THR A 70 -6.90 -18.94 22.66
N SER A 71 -7.09 -19.09 21.36
CA SER A 71 -6.80 -17.96 20.45
C SER A 71 -7.97 -16.99 20.40
N PHE A 72 -9.07 -17.32 21.05
CA PHE A 72 -10.26 -16.45 21.03
C PHE A 72 -9.89 -15.05 21.52
N ALA A 73 -10.37 -14.03 20.85
CA ALA A 73 -10.01 -12.65 21.20
C ALA A 73 -10.40 -12.26 22.62
N ASN A 74 -11.52 -12.78 23.10
CA ASN A 74 -12.04 -12.33 24.39
C ASN A 74 -11.73 -13.37 25.44
N SER A 75 -10.47 -13.46 25.77
CA SER A 75 -9.96 -14.47 26.70
C SER A 75 -8.75 -13.93 27.44
N LEU A 76 -8.15 -14.74 28.29
CA LEU A 76 -7.06 -14.26 29.15
C LEU A 76 -5.80 -13.95 28.34
N ILE A 77 -5.39 -12.69 28.34
CA ILE A 77 -4.28 -12.25 27.49
C ILE A 77 -3.42 -11.24 28.22
N ASP A 78 -2.11 -11.45 28.23
CA ASP A 78 -1.14 -10.47 28.73
C ASP A 78 -0.32 -10.03 27.51
N THR A 79 0.39 -8.89 27.60
CA THR A 79 1.28 -8.49 26.52
C THR A 79 2.68 -9.03 26.83
N VAL A 80 3.23 -9.83 25.93
CA VAL A 80 4.56 -10.37 26.16
C VAL A 80 5.58 -9.60 25.32
N ALA A 81 6.83 -9.61 25.77
CA ALA A 81 7.92 -9.03 24.98
C ALA A 81 9.10 -10.00 24.96
N LYS A 82 9.72 -10.13 23.81
CA LYS A 82 11.01 -10.82 23.75
C LYS A 82 12.01 -9.82 23.24
N TYR A 83 13.24 -9.86 23.74
CA TYR A 83 14.21 -8.90 23.23
C TYR A 83 15.56 -9.56 23.00
N SER A 84 16.33 -8.96 22.10
CA SER A 84 17.60 -9.55 21.64
C SER A 84 18.63 -8.48 21.36
N VAL A 85 19.87 -8.74 21.78
CA VAL A 85 20.95 -7.81 21.47
C VAL A 85 21.88 -8.38 20.41
N ASP A 86 21.47 -9.51 19.79
CA ASP A 86 22.26 -10.14 18.75
C ASP A 86 21.48 -10.40 17.46
N ASP A 87 20.64 -9.43 17.10
CA ASP A 87 19.84 -9.50 15.90
C ASP A 87 19.02 -10.75 15.78
N GLY A 88 18.52 -11.23 16.90
CA GLY A 88 17.59 -12.33 16.87
C GLY A 88 18.12 -13.75 16.96
N GLU A 89 19.42 -13.93 17.22
CA GLU A 89 19.90 -15.29 17.42
C GLU A 89 19.36 -15.80 18.74
N THR A 90 19.48 -15.00 19.80
CA THR A 90 18.89 -15.37 21.09
C THR A 90 18.02 -14.25 21.63
N TRP A 91 17.06 -14.65 22.46
CA TRP A 91 16.13 -13.70 23.06
C TRP A 91 15.85 -13.97 24.54
N GLU A 92 15.46 -12.92 25.25
CA GLU A 92 15.01 -13.01 26.63
C GLU A 92 13.52 -12.71 26.60
N THR A 93 12.78 -13.23 27.58
CA THR A 93 11.31 -13.16 27.59
C THR A 93 10.79 -12.54 28.87
N GLN A 94 9.77 -11.69 28.77
CA GLN A 94 9.13 -11.08 29.93
C GLN A 94 7.69 -10.76 29.61
N ILE A 95 6.91 -10.41 30.61
CA ILE A 95 5.55 -9.91 30.35
C ILE A 95 5.68 -8.40 30.45
N ALA A 96 5.32 -7.70 29.39
CA ALA A 96 5.43 -6.26 29.42
C ALA A 96 4.25 -5.65 30.15
N ILE A 97 3.05 -6.18 29.93
CA ILE A 97 1.87 -5.64 30.57
C ILE A 97 0.96 -6.78 30.98
N LYS A 98 0.59 -6.83 32.26
CA LYS A 98 -0.38 -7.84 32.67
C LYS A 98 -1.77 -7.24 32.72
N ASN A 99 -2.77 -8.09 32.49
CA ASN A 99 -4.16 -7.67 32.57
C ASN A 99 -4.60 -7.49 34.03
N SER A 100 -5.84 -7.07 34.23
CA SER A 100 -6.35 -6.78 35.56
C SER A 100 -6.53 -7.98 36.47
N ARG A 101 -6.57 -9.17 35.90
CA ARG A 101 -6.79 -10.41 36.66
C ARG A 101 -8.17 -10.40 37.31
N ALA A 102 -9.09 -9.60 36.77
CA ALA A 102 -10.43 -9.51 37.35
C ALA A 102 -11.31 -10.75 37.14
N SER A 103 -11.11 -11.45 36.02
CA SER A 103 -11.89 -12.63 35.69
C SER A 103 -11.04 -13.54 34.85
N SER A 104 -11.61 -14.69 34.50
CA SER A 104 -10.93 -15.64 33.64
C SER A 104 -10.65 -15.15 32.22
N VAL A 105 -11.27 -14.05 31.83
CA VAL A 105 -11.08 -13.54 30.47
C VAL A 105 -10.51 -12.10 30.48
N SER A 106 -9.97 -11.64 31.61
CA SER A 106 -9.35 -10.31 31.63
C SER A 106 -8.23 -10.28 30.62
N ARG A 107 -8.02 -9.12 30.02
CA ARG A 107 -7.05 -9.06 28.93
C ARG A 107 -6.62 -7.64 28.63
N VAL A 108 -5.36 -7.55 28.24
CA VAL A 108 -4.85 -6.31 27.60
C VAL A 108 -4.69 -6.69 26.16
N VAL A 109 -5.17 -5.79 25.30
CA VAL A 109 -5.33 -6.15 23.91
C VAL A 109 -4.76 -5.16 22.90
N ASP A 110 -4.49 -5.72 21.74
CA ASP A 110 -4.01 -5.01 20.54
C ASP A 110 -2.89 -3.98 20.86
N PRO A 111 -1.80 -4.49 21.41
CA PRO A 111 -0.70 -3.61 21.80
C PRO A 111 -0.17 -2.86 20.57
N THR A 112 -0.02 -1.54 20.74
CA THR A 112 0.47 -0.69 19.63
C THR A 112 1.69 0.02 20.18
N VAL A 113 2.80 -0.05 19.45
CA VAL A 113 4.08 0.32 20.00
C VAL A 113 4.71 1.50 19.31
N ILE A 114 5.27 2.40 20.10
CA ILE A 114 6.06 3.51 19.54
C ILE A 114 7.42 3.46 20.23
N VAL A 115 8.47 3.60 19.45
CA VAL A 115 9.81 3.69 20.01
C VAL A 115 10.24 5.16 20.09
N LYS A 116 10.71 5.59 21.25
CA LYS A 116 11.35 6.90 21.25
C LYS A 116 12.49 6.89 22.24
N GLY A 117 13.69 7.29 21.81
CA GLY A 117 14.86 7.25 22.67
C GLY A 117 15.06 5.79 23.07
N ASN A 118 15.20 5.53 24.35
CA ASN A 118 15.33 4.19 24.84
C ASN A 118 14.01 3.69 25.42
N LYS A 119 12.91 4.33 25.06
CA LYS A 119 11.60 3.97 25.62
C LYS A 119 10.68 3.26 24.62
N LEU A 120 9.94 2.28 25.12
CA LEU A 120 8.88 1.70 24.33
C LEU A 120 7.55 2.18 24.93
N TYR A 121 6.72 2.81 24.12
CA TYR A 121 5.41 3.20 24.60
C TYR A 121 4.41 2.20 24.02
N VAL A 122 3.69 1.49 24.88
CA VAL A 122 2.78 0.45 24.41
C VAL A 122 1.38 0.80 24.89
N LEU A 123 0.49 0.99 23.93
CA LEU A 123 -0.90 1.34 24.15
C LEU A 123 -1.76 0.08 24.04
N VAL A 124 -2.53 -0.25 25.07
CA VAL A 124 -3.41 -1.43 24.99
C VAL A 124 -4.79 -1.11 25.51
N GLY A 125 -5.79 -1.73 24.88
CA GLY A 125 -7.13 -1.74 25.49
C GLY A 125 -7.09 -2.73 26.67
N SER A 126 -7.94 -2.51 27.67
CA SER A 126 -8.02 -3.42 28.82
C SER A 126 -9.48 -3.77 29.03
N TYR A 127 -9.79 -5.07 29.18
CA TYR A 127 -11.17 -5.53 29.39
C TYR A 127 -11.16 -6.43 30.58
N ASN A 128 -12.22 -6.34 31.40
CA ASN A 128 -12.25 -7.12 32.63
C ASN A 128 -12.95 -8.47 32.50
N SER A 129 -14.14 -8.47 31.93
CA SER A 129 -14.89 -9.72 31.89
C SER A 129 -15.78 -10.01 30.66
N SER A 130 -15.88 -9.08 29.71
CA SER A 130 -16.72 -9.36 28.56
C SER A 130 -16.22 -10.50 27.70
N ARG A 131 -17.13 -11.36 27.26
CA ARG A 131 -16.81 -12.39 26.27
C ARG A 131 -17.19 -11.98 24.84
N SER A 132 -17.68 -10.76 24.66
CA SER A 132 -18.13 -10.23 23.35
C SER A 132 -17.05 -9.36 22.70
N TYR A 133 -17.04 -9.39 21.36
CA TYR A 133 -16.09 -8.55 20.60
C TYR A 133 -16.34 -7.08 20.91
N TRP A 134 -15.28 -6.29 21.00
CA TRP A 134 -15.42 -4.91 21.46
C TRP A 134 -16.38 -4.05 20.65
N THR A 135 -16.46 -4.25 19.34
CA THR A 135 -17.33 -3.39 18.55
C THR A 135 -18.82 -3.72 18.74
N SER A 136 -19.09 -4.82 19.42
CA SER A 136 -20.47 -5.17 19.69
C SER A 136 -20.93 -4.62 21.03
N HIS A 137 -20.03 -4.01 21.81
CA HIS A 137 -20.44 -3.48 23.11
C HIS A 137 -21.29 -2.22 22.88
N GLY A 138 -22.32 -2.01 23.71
CA GLY A 138 -23.17 -0.83 23.61
C GLY A 138 -22.64 0.33 24.42
N ASP A 139 -21.72 0.05 25.34
CA ASP A 139 -21.12 1.07 26.18
C ASP A 139 -19.75 0.64 26.67
N ALA A 140 -19.07 1.47 27.46
CA ALA A 140 -17.68 1.22 27.85
C ALA A 140 -17.54 0.55 29.22
N ARG A 141 -18.63 0.06 29.80
CA ARG A 141 -18.54 -0.54 31.12
C ARG A 141 -17.33 -1.49 31.38
N ASP A 142 -16.90 -2.21 30.36
CA ASP A 142 -15.85 -3.20 30.56
C ASP A 142 -14.46 -2.70 30.12
N TRP A 143 -14.38 -1.43 29.66
CA TRP A 143 -13.18 -0.98 28.96
C TRP A 143 -12.36 0.07 29.66
N ASP A 144 -11.06 0.01 29.40
CA ASP A 144 -10.13 1.06 29.79
C ASP A 144 -9.06 1.07 28.70
N ILE A 145 -8.27 2.12 28.70
CA ILE A 145 -7.22 2.29 27.66
C ILE A 145 -5.96 2.67 28.42
N LEU A 146 -4.94 1.83 28.28
CA LEU A 146 -3.76 1.94 29.12
C LEU A 146 -2.49 2.18 28.34
N LEU A 147 -1.60 3.00 28.90
CA LEU A 147 -0.28 3.20 28.29
C LEU A 147 0.75 2.69 29.25
N ALA A 148 1.62 1.83 28.79
CA ALA A 148 2.74 1.37 29.62
C ALA A 148 4.05 1.73 28.91
N VAL A 149 5.06 2.11 29.67
CA VAL A 149 6.34 2.51 29.10
C VAL A 149 7.43 1.54 29.56
N GLY A 150 8.18 0.98 28.61
CA GLY A 150 9.28 0.09 28.92
C GLY A 150 10.54 0.87 28.69
N GLU A 151 11.49 0.77 29.62
CA GLU A 151 12.74 1.50 29.45
C GLU A 151 13.82 0.51 29.21
N VAL A 152 14.51 0.65 28.08
CA VAL A 152 15.54 -0.27 27.68
C VAL A 152 16.91 0.23 28.12
N THR A 153 17.66 -0.63 28.81
CA THR A 153 18.99 -0.25 29.27
C THR A 153 20.02 -1.23 28.73
N LYS A 154 21.15 -0.70 28.31
CA LYS A 154 22.21 -1.51 27.74
C LYS A 154 23.41 -1.58 28.67
N SER A 155 24.10 -2.72 28.64
CA SER A 155 25.24 -2.93 29.53
C SER A 155 26.20 -3.92 28.86
N THR A 156 27.42 -4.05 29.35
CA THR A 156 28.40 -4.94 28.71
C THR A 156 29.08 -5.91 29.70
N ALA A 157 28.28 -6.76 30.33
CA ALA A 157 28.72 -7.71 31.37
C ALA A 157 29.33 -9.08 30.96
N GLY A 158 30.57 -9.33 31.35
CA GLY A 158 31.20 -10.61 31.05
C GLY A 158 31.83 -10.59 29.66
N GLY A 159 32.14 -9.39 29.20
CA GLY A 159 32.76 -9.20 27.89
C GLY A 159 31.79 -9.00 26.75
N LYS A 160 30.53 -9.35 26.97
CA LYS A 160 29.52 -9.24 25.90
C LYS A 160 28.35 -8.34 26.24
N ILE A 161 27.69 -7.86 25.19
CA ILE A 161 26.57 -6.93 25.32
C ILE A 161 25.35 -7.54 26.00
N THR A 162 24.73 -6.76 26.88
CA THR A 162 23.49 -7.18 27.50
C THR A 162 22.46 -6.05 27.50
N ALA A 163 21.21 -6.44 27.64
CA ALA A 163 20.17 -5.45 27.75
C ALA A 163 19.14 -5.93 28.73
N SER A 164 18.35 -5.00 29.24
CA SER A 164 17.20 -5.32 30.05
C SER A 164 16.14 -4.26 29.81
N ILE A 165 14.90 -4.63 30.08
CA ILE A 165 13.79 -3.71 29.93
C ILE A 165 12.98 -3.67 31.20
N LYS A 166 12.81 -2.47 31.74
CA LYS A 166 12.00 -2.28 32.92
C LYS A 166 10.68 -1.68 32.50
N TRP A 167 9.61 -2.40 32.78
CA TRP A 167 8.28 -1.98 32.39
C TRP A 167 7.63 -1.27 33.52
N GLY A 168 7.12 -0.08 33.24
CA GLY A 168 6.39 0.70 34.23
C GLY A 168 4.97 0.19 34.40
N SER A 169 4.31 0.64 35.46
CA SER A 169 2.92 0.28 35.65
C SER A 169 2.11 1.01 34.61
N PRO A 170 1.09 0.37 34.04
CA PRO A 170 0.26 1.05 33.06
C PRO A 170 -0.54 2.19 33.67
N VAL A 171 -0.72 3.25 32.88
CA VAL A 171 -1.47 4.42 33.28
C VAL A 171 -2.71 4.54 32.38
N SER A 172 -3.89 4.84 32.95
CA SER A 172 -5.06 4.97 32.11
C SER A 172 -5.10 6.31 31.39
N LEU A 173 -5.46 6.29 30.10
CA LEU A 173 -5.55 7.49 29.31
C LEU A 173 -7.01 7.86 29.06
N LYS A 174 -7.93 7.24 29.83
CA LYS A 174 -9.36 7.45 29.62
C LYS A 174 -9.75 8.92 29.79
N GLU A 175 -9.00 9.62 30.62
CA GLU A 175 -9.30 11.04 30.85
C GLU A 175 -9.14 11.90 29.60
N PHE A 176 -8.43 11.38 28.61
CA PHE A 176 -8.22 12.11 27.35
C PHE A 176 -9.24 11.83 26.23
N PHE A 177 -10.26 11.04 26.55
CA PHE A 177 -11.23 10.60 25.55
C PHE A 177 -12.49 11.40 25.80
N PRO A 178 -12.82 12.29 24.88
CA PRO A 178 -14.04 13.11 25.05
C PRO A 178 -15.33 12.30 24.90
N ALA A 179 -16.39 12.73 25.56
CA ALA A 179 -17.66 12.05 25.49
C ALA A 179 -18.33 12.19 24.15
N GLU A 180 -17.99 13.25 23.44
CA GLU A 180 -18.60 13.50 22.14
C GLU A 180 -17.55 13.83 21.09
N MET A 181 -17.82 13.40 19.84
CA MET A 181 -17.05 13.83 18.70
C MET A 181 -18.07 14.30 17.66
N GLU A 182 -17.66 15.18 16.75
CA GLU A 182 -18.67 15.84 15.90
C GLU A 182 -20.09 15.36 16.09
N GLY A 183 -20.62 14.60 15.15
CA GLY A 183 -21.99 14.14 15.29
C GLY A 183 -22.20 12.81 15.99
N MET A 184 -21.52 12.61 17.12
CA MET A 184 -21.62 11.33 17.80
C MET A 184 -21.24 11.32 19.27
N HIS A 185 -21.61 10.22 19.93
CA HIS A 185 -21.27 9.97 21.31
C HIS A 185 -20.23 8.85 21.28
N THR A 186 -19.11 9.07 21.93
CA THR A 186 -18.03 8.08 21.90
C THR A 186 -18.32 6.90 22.79
N ASN A 187 -17.68 5.78 22.47
CA ASN A 187 -17.90 4.53 23.17
C ASN A 187 -16.52 4.02 23.67
N GLN A 188 -15.71 3.44 22.78
CA GLN A 188 -14.39 2.97 23.21
C GLN A 188 -13.35 3.32 22.15
N PHE A 189 -12.08 3.13 22.49
CA PHE A 189 -11.01 3.13 21.49
C PHE A 189 -9.81 2.22 21.88
N LEU A 190 -9.08 1.86 20.82
CA LEU A 190 -7.87 1.02 20.85
C LEU A 190 -6.88 1.53 19.86
N GLY A 191 -5.64 1.17 20.13
CA GLY A 191 -4.57 1.44 19.17
C GLY A 191 -4.89 0.62 17.95
N GLY A 192 -4.24 0.96 16.86
CA GLY A 192 -4.43 0.27 15.60
C GLY A 192 -3.66 -1.01 15.47
N ALA A 193 -2.88 -1.35 16.51
CA ALA A 193 -2.05 -2.54 16.58
C ALA A 193 -0.74 -2.33 15.83
N GLY A 194 0.23 -3.18 16.10
CA GLY A 194 1.52 -3.10 15.42
C GLY A 194 2.35 -1.92 15.91
N VAL A 195 2.96 -1.24 14.94
CA VAL A 195 3.95 -0.18 15.27
C VAL A 195 3.48 1.17 14.79
N ALA A 196 3.51 2.14 15.71
CA ALA A 196 3.14 3.51 15.41
C ALA A 196 4.39 4.35 15.29
N ILE A 197 4.27 5.68 15.37
CA ILE A 197 5.44 6.50 15.05
C ILE A 197 5.66 7.70 15.94
N VAL A 198 6.88 8.20 15.84
CA VAL A 198 7.20 9.53 16.37
C VAL A 198 7.26 10.43 15.12
N ALA A 199 6.49 11.51 15.12
CA ALA A 199 6.49 12.42 13.96
C ALA A 199 7.77 13.30 13.97
N SER A 200 8.05 13.92 12.83
CA SER A 200 9.28 14.72 12.68
C SER A 200 9.33 15.89 13.66
N ASN A 201 8.20 16.21 14.27
CA ASN A 201 8.18 17.25 15.29
C ASN A 201 8.34 16.71 16.72
N GLY A 202 8.56 15.40 16.84
CA GLY A 202 8.70 14.76 18.14
C GLY A 202 7.42 14.21 18.72
N ASN A 203 6.26 14.50 18.12
CA ASN A 203 5.02 14.05 18.72
C ASN A 203 4.92 12.53 18.65
N LEU A 204 4.45 11.89 19.72
CA LEU A 204 4.07 10.48 19.67
C LEU A 204 2.73 10.44 18.93
N VAL A 205 2.61 9.53 17.92
CA VAL A 205 1.42 9.53 17.10
C VAL A 205 0.86 8.14 16.97
N TYR A 206 -0.29 7.91 17.59
CA TYR A 206 -1.00 6.62 17.48
C TYR A 206 -2.20 6.81 16.57
N PRO A 207 -2.26 6.09 15.45
CA PRO A 207 -3.52 6.02 14.73
C PRO A 207 -4.39 5.10 15.60
N VAL A 208 -5.63 5.47 15.86
CA VAL A 208 -6.51 4.68 16.73
C VAL A 208 -7.81 4.32 16.06
N GLN A 209 -8.40 3.21 16.49
CA GLN A 209 -9.72 2.85 16.03
C GLN A 209 -10.69 3.13 17.19
N VAL A 210 -11.77 3.80 16.83
CA VAL A 210 -12.76 4.30 17.83
C VAL A 210 -14.17 3.84 17.48
N THR A 211 -14.98 3.57 18.51
CA THR A 211 -16.37 3.29 18.28
C THR A 211 -17.25 4.37 18.83
N ASN A 212 -18.40 4.52 18.22
CA ASN A 212 -19.43 5.38 18.82
C ASN A 212 -20.56 4.55 19.40
N LYS A 213 -21.58 5.24 19.92
CA LYS A 213 -22.66 4.51 20.57
C LYS A 213 -23.59 3.83 19.54
N LYS A 214 -23.40 4.10 18.25
CA LYS A 214 -24.15 3.40 17.22
C LYS A 214 -23.37 2.18 16.76
N LYS A 215 -22.26 1.94 17.45
CA LYS A 215 -21.36 0.82 17.20
C LYS A 215 -20.65 0.90 15.87
N GLN A 216 -20.56 2.10 15.34
CA GLN A 216 -19.75 2.30 14.14
C GLN A 216 -18.27 2.43 14.56
N VAL A 217 -17.36 2.01 13.68
CA VAL A 217 -15.91 2.10 13.92
C VAL A 217 -15.31 3.10 12.95
N PHE A 218 -14.34 3.87 13.41
CA PHE A 218 -13.68 4.84 12.53
C PHE A 218 -12.28 5.08 13.07
N SER A 219 -11.41 5.71 12.27
CA SER A 219 -10.06 5.90 12.71
C SER A 219 -9.82 7.39 12.98
N LYS A 220 -8.93 7.65 13.94
CA LYS A 220 -8.53 9.00 14.33
C LYS A 220 -7.02 9.02 14.60
N ILE A 221 -6.44 10.21 14.77
CA ILE A 221 -5.07 10.37 15.16
C ILE A 221 -5.11 10.80 16.62
N PHE A 222 -4.35 10.12 17.46
CA PHE A 222 -4.30 10.35 18.92
C PHE A 222 -2.81 10.61 19.19
N TYR A 223 -2.46 11.84 19.62
CA TYR A 223 -1.07 12.19 19.67
C TYR A 223 -0.68 12.93 20.97
N SER A 224 0.60 12.93 21.26
CA SER A 224 1.11 13.56 22.50
C SER A 224 2.28 14.45 22.15
N GLU A 225 2.22 15.69 22.64
CA GLU A 225 3.28 16.66 22.43
C GLU A 225 4.23 16.70 23.62
N ASP A 226 3.97 15.87 24.63
CA ASP A 226 4.79 15.93 25.84
C ASP A 226 5.26 14.57 26.35
N GLU A 227 5.75 13.76 25.42
CA GLU A 227 6.33 12.46 25.73
C GLU A 227 5.31 11.53 26.41
N GLY A 228 4.04 11.71 26.11
CA GLY A 228 3.01 10.80 26.57
C GLY A 228 2.30 11.10 27.88
N LYS A 229 2.60 12.27 28.44
CA LYS A 229 1.92 12.68 29.66
C LYS A 229 0.47 13.10 29.39
N THR A 230 0.26 13.85 28.31
CA THR A 230 -1.11 14.17 27.91
C THR A 230 -1.33 13.84 26.44
N TRP A 231 -2.59 13.62 26.06
CA TRP A 231 -2.95 13.21 24.71
C TRP A 231 -4.10 14.01 24.13
N LYS A 232 -4.09 14.18 22.81
CA LYS A 232 -5.11 14.92 22.07
C LYS A 232 -5.61 14.11 20.90
N PHE A 233 -6.84 14.35 20.49
CA PHE A 233 -7.33 13.78 19.22
C PHE A 233 -7.32 14.82 18.11
N GLY A 234 -6.85 14.41 16.94
CA GLY A 234 -7.02 15.26 15.77
C GLY A 234 -8.52 15.44 15.52
N LYS A 235 -8.93 16.57 14.94
CA LYS A 235 -10.35 16.84 14.81
C LYS A 235 -11.06 16.01 13.76
N GLY A 236 -10.29 15.55 12.77
CA GLY A 236 -10.90 14.82 11.66
C GLY A 236 -10.92 13.32 11.87
N ARG A 237 -11.46 12.60 10.88
CA ARG A 237 -11.55 11.16 10.98
C ARG A 237 -11.66 10.51 9.62
N SER A 238 -11.48 9.20 9.59
CA SER A 238 -11.75 8.43 8.42
C SER A 238 -13.25 8.22 8.23
N ALA A 239 -13.60 7.59 7.12
CA ALA A 239 -14.95 7.10 6.92
C ALA A 239 -15.28 6.07 8.01
N PHE A 240 -16.58 5.87 8.24
CA PHE A 240 -16.97 4.75 9.10
C PHE A 240 -16.64 3.43 8.40
N GLY A 241 -16.26 2.42 9.20
CA GLY A 241 -15.89 1.12 8.68
C GLY A 241 -14.39 0.94 8.64
N CYS A 242 -13.64 2.00 8.89
CA CYS A 242 -12.17 1.91 8.87
C CYS A 242 -11.60 1.58 10.23
N SER A 243 -10.98 0.41 10.36
CA SER A 243 -10.45 -0.01 11.64
C SER A 243 -8.96 -0.31 11.50
N GLU A 244 -8.32 -0.79 12.57
CA GLU A 244 -6.87 -1.05 12.59
C GLU A 244 -6.06 -0.15 11.70
N PRO A 245 -6.10 1.15 11.94
CA PRO A 245 -5.32 2.03 11.09
C PRO A 245 -3.83 1.88 11.42
N VAL A 246 -2.96 2.07 10.44
CA VAL A 246 -1.52 2.07 10.64
C VAL A 246 -1.00 3.30 9.88
N ALA A 247 -0.05 4.01 10.49
CA ALA A 247 0.41 5.25 9.85
C ALA A 247 1.90 5.37 9.76
N LEU A 248 2.32 6.20 8.80
CA LEU A 248 3.73 6.60 8.70
C LEU A 248 3.74 8.09 8.27
N GLU A 249 4.92 8.71 8.31
CA GLU A 249 5.02 10.08 7.84
C GLU A 249 5.80 10.08 6.55
N TRP A 250 5.29 10.86 5.60
CA TRP A 250 5.87 10.95 4.25
C TRP A 250 5.76 12.40 3.78
N GLU A 251 6.92 13.01 3.50
CA GLU A 251 6.94 14.39 2.95
C GLU A 251 6.03 15.36 3.67
N GLY A 252 6.14 15.29 4.98
CA GLY A 252 5.42 16.20 5.85
C GLY A 252 4.01 15.87 6.18
N LYS A 253 3.50 14.73 5.71
CA LYS A 253 2.13 14.39 5.99
C LYS A 253 2.07 13.01 6.65
N LEU A 254 1.02 12.77 7.41
CA LEU A 254 0.76 11.42 7.91
C LEU A 254 -0.01 10.70 6.81
N ILE A 255 0.39 9.47 6.52
CA ILE A 255 -0.36 8.62 5.58
C ILE A 255 -0.95 7.53 6.46
N ILE A 256 -2.28 7.42 6.47
CA ILE A 256 -2.98 6.52 7.38
C ILE A 256 -3.69 5.47 6.52
N ASN A 257 -3.28 4.21 6.71
CA ASN A 257 -3.68 3.10 5.85
C ASN A 257 -4.61 2.24 6.69
N THR A 258 -5.85 2.10 6.22
CA THR A 258 -6.86 1.45 7.05
C THR A 258 -7.40 0.13 6.57
N ARG A 259 -7.76 -0.67 7.56
CA ARG A 259 -8.50 -1.91 7.37
C ARG A 259 -9.99 -1.65 7.16
N VAL A 260 -10.57 -2.19 6.10
CA VAL A 260 -12.02 -2.09 5.90
C VAL A 260 -12.53 -3.50 5.63
N ASP A 261 -13.24 -4.10 6.58
CA ASP A 261 -13.67 -5.47 6.34
C ASP A 261 -14.62 -5.49 5.16
N TYR A 262 -14.47 -6.48 4.30
CA TYR A 262 -15.33 -6.65 3.13
C TYR A 262 -15.26 -5.54 2.09
N ARG A 263 -14.21 -4.73 2.11
CA ARG A 263 -14.04 -3.65 1.12
C ARG A 263 -12.56 -3.42 0.88
N ARG A 264 -12.25 -2.63 -0.15
CA ARG A 264 -10.84 -2.29 -0.41
C ARG A 264 -10.30 -1.34 0.68
N ARG A 265 -9.01 -1.46 1.02
CA ARG A 265 -8.43 -0.58 2.04
C ARG A 265 -8.43 0.86 1.61
N LEU A 266 -8.87 1.76 2.51
CA LEU A 266 -8.81 3.19 2.27
C LEU A 266 -7.52 3.78 2.89
N VAL A 267 -6.92 4.74 2.20
CA VAL A 267 -5.70 5.38 2.66
C VAL A 267 -5.95 6.87 2.64
N TYR A 268 -5.61 7.56 3.74
CA TYR A 268 -5.78 9.01 3.88
C TYR A 268 -4.46 9.71 4.12
N GLU A 269 -4.43 11.00 3.83
CA GLU A 269 -3.30 11.83 4.14
C GLU A 269 -3.78 12.96 5.06
N SER A 270 -2.95 13.35 6.00
CA SER A 270 -3.25 14.50 6.88
C SER A 270 -1.97 15.29 7.09
N SER A 271 -2.03 16.61 6.82
CA SER A 271 -0.85 17.45 6.94
C SER A 271 -0.91 18.21 8.25
N ASP A 272 -1.97 18.02 9.04
CA ASP A 272 -2.16 18.77 10.28
C ASP A 272 -2.46 17.93 11.51
N MET A 273 -1.69 16.86 11.73
CA MET A 273 -1.92 15.97 12.88
C MET A 273 -3.37 15.50 12.98
N GLY A 274 -3.99 15.16 11.87
CA GLY A 274 -5.31 14.58 11.96
C GLY A 274 -6.49 15.53 12.01
N ASN A 275 -6.23 16.83 11.89
CA ASN A 275 -7.36 17.75 11.90
C ASN A 275 -8.15 17.65 10.61
N THR A 276 -7.44 17.41 9.50
CA THR A 276 -8.17 17.25 8.24
C THR A 276 -7.63 15.99 7.56
N TRP A 277 -8.54 15.17 7.06
CA TRP A 277 -8.15 13.91 6.40
C TRP A 277 -8.59 13.99 4.93
N LEU A 278 -7.70 13.63 4.01
CA LEU A 278 -8.04 13.63 2.60
C LEU A 278 -7.75 12.22 2.07
N GLU A 279 -8.73 11.62 1.42
CA GLU A 279 -8.42 10.27 0.87
C GLU A 279 -7.31 10.35 -0.18
N ALA A 280 -6.35 9.42 -0.14
CA ALA A 280 -5.20 9.44 -1.03
C ALA A 280 -5.57 8.80 -2.37
N VAL A 281 -6.55 9.38 -3.03
CA VAL A 281 -7.05 8.78 -4.29
C VAL A 281 -6.02 8.76 -5.41
N GLY A 282 -5.03 9.68 -5.39
CA GLY A 282 -4.02 9.76 -6.45
C GLY A 282 -2.83 8.83 -6.30
N THR A 283 -2.80 8.08 -5.19
CA THR A 283 -1.66 7.24 -4.90
C THR A 283 -2.01 5.86 -4.35
N LEU A 284 -2.36 5.77 -3.08
CA LEU A 284 -2.47 4.45 -2.45
C LEU A 284 -3.86 3.99 -2.09
N SER A 285 -4.83 4.91 -2.01
CA SER A 285 -6.13 4.45 -1.54
C SER A 285 -6.80 3.53 -2.56
N ARG A 286 -7.38 2.46 -2.01
CA ARG A 286 -8.14 1.45 -2.76
C ARG A 286 -7.25 0.56 -3.59
N VAL A 287 -5.94 0.70 -3.45
CA VAL A 287 -5.00 -0.17 -4.15
C VAL A 287 -5.10 -1.58 -3.61
N TRP A 288 -5.12 -1.69 -2.31
CA TRP A 288 -5.05 -3.02 -1.69
C TRP A 288 -6.38 -3.66 -1.33
N GLY A 289 -6.63 -4.88 -1.79
CA GLY A 289 -7.89 -5.55 -1.48
C GLY A 289 -7.65 -6.70 -0.49
N PRO A 290 -8.62 -6.94 0.38
CA PRO A 290 -8.41 -7.91 1.49
C PRO A 290 -8.56 -9.35 1.03
N SER A 291 -9.07 -9.55 -0.16
CA SER A 291 -9.20 -10.92 -0.72
C SER A 291 -9.33 -10.80 -2.23
N PRO A 292 -9.23 -11.90 -2.97
CA PRO A 292 -9.33 -11.77 -4.42
C PRO A 292 -10.52 -10.97 -4.91
N LYS A 293 -11.68 -11.11 -4.29
CA LYS A 293 -12.86 -10.37 -4.70
C LYS A 293 -13.19 -9.20 -3.74
N SER A 294 -12.25 -8.92 -2.85
CA SER A 294 -12.40 -7.83 -1.88
C SER A 294 -13.69 -7.87 -1.10
N ASN A 295 -14.06 -9.08 -0.66
CA ASN A 295 -15.36 -9.26 -0.05
C ASN A 295 -15.26 -10.11 1.20
N GLN A 296 -14.10 -10.04 1.84
CA GLN A 296 -13.81 -10.85 2.99
C GLN A 296 -13.23 -9.98 4.06
N PRO A 297 -13.10 -10.47 5.29
CA PRO A 297 -12.44 -9.67 6.34
C PRO A 297 -11.06 -9.24 5.90
N GLY A 298 -10.68 -8.07 6.44
CA GLY A 298 -9.36 -7.52 6.24
C GLY A 298 -8.34 -7.92 7.27
N SER A 299 -7.26 -7.15 7.41
CA SER A 299 -6.19 -7.54 8.29
C SER A 299 -5.45 -6.32 8.84
N GLN A 300 -4.69 -6.58 9.87
CA GLN A 300 -3.68 -5.64 10.34
C GLN A 300 -2.55 -5.68 9.28
N SER A 301 -1.84 -4.57 9.11
CA SER A 301 -0.78 -4.44 8.12
C SER A 301 0.43 -3.74 8.69
N SER A 302 1.63 -4.20 8.34
CA SER A 302 2.84 -3.42 8.66
C SER A 302 2.98 -2.35 7.57
N PHE A 303 3.23 -1.11 7.97
CA PHE A 303 3.33 -0.03 7.00
C PHE A 303 4.38 0.93 7.59
N THR A 304 5.56 0.97 6.98
CA THR A 304 6.64 1.80 7.49
C THR A 304 7.33 2.56 6.38
N ALA A 305 7.96 3.67 6.76
CA ALA A 305 8.77 4.43 5.81
C ALA A 305 10.22 4.20 6.24
N VAL A 306 11.06 3.84 5.28
CA VAL A 306 12.46 3.55 5.55
C VAL A 306 13.30 4.14 4.47
N THR A 307 14.63 4.16 4.67
CA THR A 307 15.54 4.63 3.68
C THR A 307 16.48 3.48 3.30
N ILE A 308 16.43 3.06 2.04
CA ILE A 308 17.23 1.96 1.55
C ILE A 308 18.12 2.47 0.45
N GLU A 309 19.41 2.37 0.68
CA GLU A 309 20.40 2.87 -0.30
C GLU A 309 20.10 4.28 -0.76
N GLY A 310 19.73 5.12 0.20
CA GLY A 310 19.50 6.52 -0.07
C GLY A 310 18.13 6.95 -0.54
N MET A 311 17.22 5.99 -0.79
CA MET A 311 15.91 6.36 -1.27
C MET A 311 14.87 6.09 -0.21
N ARG A 312 14.06 7.10 0.05
CA ARG A 312 12.97 6.92 1.03
C ARG A 312 11.87 6.14 0.32
N VAL A 313 11.37 5.07 0.95
CA VAL A 313 10.29 4.28 0.37
C VAL A 313 9.38 3.77 1.48
N MET A 314 8.26 3.15 1.10
CA MET A 314 7.35 2.56 2.11
C MET A 314 7.27 1.07 1.88
N LEU A 315 7.26 0.31 2.95
CA LEU A 315 7.03 -1.14 2.90
C LEU A 315 5.66 -1.43 3.51
N PHE A 316 4.90 -2.31 2.85
CA PHE A 316 3.53 -2.59 3.32
C PHE A 316 3.28 -4.09 3.22
N THR A 317 2.68 -4.66 4.25
CA THR A 317 2.30 -6.10 4.14
C THR A 317 0.83 -6.32 4.38
N HIS A 318 0.30 -7.35 3.71
CA HIS A 318 -1.07 -7.76 3.94
C HIS A 318 -1.25 -9.16 3.36
N PRO A 319 -2.07 -9.96 4.01
CA PRO A 319 -2.32 -11.27 3.42
C PRO A 319 -3.20 -11.21 2.18
N LEU A 320 -3.06 -12.20 1.27
CA LEU A 320 -3.94 -12.21 0.11
C LEU A 320 -5.30 -12.84 0.42
N ASN A 321 -5.33 -13.74 1.40
CA ASN A 321 -6.59 -14.31 1.85
C ASN A 321 -7.38 -15.05 0.76
N PHE A 322 -6.70 -15.91 -0.01
CA PHE A 322 -7.42 -16.70 -1.03
C PHE A 322 -8.42 -17.61 -0.35
N LYS A 323 -8.12 -18.04 0.87
CA LYS A 323 -9.07 -18.97 1.51
C LYS A 323 -10.35 -18.30 2.01
N GLY A 324 -10.27 -17.02 2.37
CA GLY A 324 -11.46 -16.29 2.78
C GLY A 324 -11.68 -16.35 4.28
N ARG A 325 -12.73 -15.66 4.72
CA ARG A 325 -13.03 -15.51 6.12
C ARG A 325 -11.79 -14.89 6.79
N TRP A 326 -11.39 -15.38 7.95
CA TRP A 326 -10.27 -14.76 8.66
C TRP A 326 -9.02 -15.62 8.47
N LEU A 327 -9.09 -16.63 7.60
CA LEU A 327 -7.90 -17.44 7.45
C LEU A 327 -6.68 -16.66 6.99
N ARG A 328 -6.84 -15.83 5.98
CA ARG A 328 -5.80 -14.86 5.65
C ARG A 328 -4.42 -15.45 5.36
N ASP A 329 -4.43 -16.41 4.44
CA ASP A 329 -3.22 -16.95 3.94
C ASP A 329 -2.44 -15.92 3.07
N ARG A 330 -1.18 -16.27 2.78
CA ARG A 330 -0.36 -15.68 1.74
C ARG A 330 -0.03 -14.24 2.08
N LEU A 331 0.74 -14.09 3.16
CA LEU A 331 1.27 -12.77 3.53
C LEU A 331 2.16 -12.21 2.43
N ASN A 332 1.84 -11.03 1.91
CA ASN A 332 2.63 -10.44 0.83
C ASN A 332 3.22 -9.12 1.22
N LEU A 333 4.39 -8.86 0.67
CA LEU A 333 5.16 -7.62 0.92
C LEU A 333 5.19 -6.75 -0.33
N TRP A 334 4.97 -5.45 -0.13
CA TRP A 334 4.91 -4.50 -1.19
C TRP A 334 5.88 -3.37 -0.92
N LEU A 335 6.39 -2.78 -2.00
CA LEU A 335 7.37 -1.70 -1.95
C LEU A 335 6.80 -0.58 -2.79
N THR A 336 6.77 0.64 -2.26
CA THR A 336 6.33 1.78 -3.05
C THR A 336 7.13 3.08 -2.73
N ASP A 337 7.33 3.89 -3.74
CA ASP A 337 7.84 5.24 -3.54
C ASP A 337 6.75 6.30 -3.64
N ASN A 338 5.52 5.89 -3.37
CA ASN A 338 4.34 6.75 -3.50
C ASN A 338 3.99 7.10 -4.94
N GLN A 339 4.57 6.35 -5.90
CA GLN A 339 4.27 6.50 -7.31
C GLN A 339 4.06 5.10 -7.87
N ARG A 340 5.15 4.33 -7.88
CA ARG A 340 5.15 2.94 -8.36
C ARG A 340 4.88 2.01 -7.18
N ILE A 341 4.26 0.86 -7.44
CA ILE A 341 3.89 -0.05 -6.34
C ILE A 341 4.30 -1.44 -6.80
N TYR A 342 5.33 -1.96 -6.15
CA TYR A 342 5.96 -3.26 -6.54
C TYR A 342 5.61 -4.35 -5.55
N ASN A 343 5.19 -5.51 -6.08
CA ASN A 343 4.95 -6.68 -5.23
C ASN A 343 6.26 -7.45 -5.06
N VAL A 344 6.85 -7.34 -3.88
CA VAL A 344 8.10 -8.01 -3.54
C VAL A 344 7.86 -9.49 -3.55
N GLY A 345 6.72 -9.87 -2.99
CA GLY A 345 6.27 -11.26 -3.08
C GLY A 345 5.73 -11.79 -1.78
N GLN A 346 5.58 -13.11 -1.73
CA GLN A 346 4.98 -13.75 -0.56
C GLN A 346 6.04 -14.04 0.51
N VAL A 347 5.79 -13.58 1.71
CA VAL A 347 6.70 -13.74 2.84
C VAL A 347 6.39 -15.02 3.59
N SER A 348 5.11 -15.33 3.73
CA SER A 348 4.75 -16.61 4.37
C SER A 348 5.09 -17.76 3.41
N ILE A 349 4.91 -18.98 3.90
CA ILE A 349 5.30 -20.15 3.10
C ILE A 349 4.09 -21.02 2.67
N GLY A 350 4.06 -21.31 1.37
CA GLY A 350 2.99 -22.11 0.80
C GLY A 350 1.63 -21.54 1.11
N ASP A 351 0.68 -22.38 1.50
CA ASP A 351 -0.67 -21.87 1.70
C ASP A 351 -0.99 -21.69 3.17
N GLU A 352 0.01 -21.52 4.00
CA GLU A 352 -0.28 -21.37 5.42
C GLU A 352 -1.07 -20.11 5.73
N ASN A 353 -1.85 -20.15 6.79
CA ASN A 353 -2.66 -18.98 7.22
C ASN A 353 -1.66 -18.07 7.94
N SER A 354 -1.65 -16.78 7.59
CA SER A 354 -0.58 -15.87 8.03
C SER A 354 -1.08 -14.43 7.94
N ALA A 355 -1.83 -14.02 8.96
CA ALA A 355 -2.53 -12.74 8.90
C ALA A 355 -1.70 -11.51 9.30
N TYR A 356 -1.39 -11.40 10.58
CA TYR A 356 -0.76 -10.16 11.07
C TYR A 356 0.74 -10.21 10.96
N SER A 357 1.37 -9.04 10.82
CA SER A 357 2.79 -9.02 10.56
C SER A 357 3.46 -7.72 10.98
N SER A 358 4.79 -7.76 11.05
CA SER A 358 5.54 -6.57 11.39
C SER A 358 6.90 -6.69 10.74
N VAL A 359 7.19 -5.71 9.91
CA VAL A 359 8.48 -5.65 9.20
C VAL A 359 9.42 -4.64 9.80
N LEU A 360 10.67 -5.08 10.02
CA LEU A 360 11.71 -4.19 10.64
C LEU A 360 12.91 -4.11 9.73
N TYR A 361 13.40 -2.89 9.49
CA TYR A 361 14.63 -2.70 8.73
C TYR A 361 15.63 -2.13 9.71
N LYS A 362 16.69 -2.87 9.96
CA LYS A 362 17.68 -2.52 10.98
C LYS A 362 19.09 -2.88 10.51
N ASP A 363 19.98 -1.89 10.52
CA ASP A 363 21.36 -2.06 10.09
C ASP A 363 21.48 -2.80 8.75
N ASP A 364 20.69 -2.29 7.81
CA ASP A 364 20.62 -2.78 6.47
C ASP A 364 20.29 -4.25 6.38
N LYS A 365 19.48 -4.74 7.31
CA LYS A 365 18.96 -6.11 7.20
C LYS A 365 17.45 -6.02 7.42
N LEU A 366 16.70 -6.90 6.76
CA LEU A 366 15.24 -6.83 6.80
C LEU A 366 14.68 -8.04 7.51
N TYR A 367 13.72 -7.83 8.39
CA TYR A 367 13.15 -8.92 9.20
C TYR A 367 11.63 -8.83 9.23
N CYS A 368 10.97 -9.96 9.47
CA CYS A 368 9.53 -9.91 9.63
C CYS A 368 9.11 -10.85 10.74
N LEU A 369 8.27 -10.34 11.64
CA LEU A 369 7.69 -11.17 12.68
C LEU A 369 6.21 -11.32 12.24
N HIS A 370 5.74 -12.55 11.99
CA HIS A 370 4.38 -12.64 11.51
C HIS A 370 3.70 -13.91 12.04
N GLU A 371 2.37 -13.90 12.00
CA GLU A 371 1.59 -15.03 12.49
C GLU A 371 1.60 -16.22 11.51
N ILE A 372 1.53 -17.42 12.09
CA ILE A 372 1.13 -18.62 11.36
C ILE A 372 0.02 -19.25 12.18
N ASN A 373 -1.03 -19.71 11.52
CA ASN A 373 -2.21 -20.21 12.21
C ASN A 373 -2.58 -21.59 11.67
N SER A 374 -2.51 -22.63 12.53
CA SER A 374 -3.08 -23.93 12.12
C SER A 374 -4.16 -24.28 13.11
N ASN A 375 -5.38 -24.51 12.62
CA ASN A 375 -6.53 -24.87 13.44
C ASN A 375 -6.77 -23.89 14.56
N GLU A 376 -6.56 -22.59 14.26
CA GLU A 376 -6.78 -21.56 15.27
C GLU A 376 -5.82 -21.65 16.46
N VAL A 377 -4.62 -22.14 16.22
CA VAL A 377 -3.57 -22.11 17.21
C VAL A 377 -2.48 -21.27 16.52
N TYR A 378 -2.04 -20.17 17.14
CA TYR A 378 -1.14 -19.28 16.42
C TYR A 378 0.26 -19.18 17.02
N SER A 379 1.26 -19.24 16.15
CA SER A 379 2.62 -18.93 16.55
C SER A 379 3.07 -17.65 15.85
N LEU A 380 4.17 -17.08 16.31
CA LEU A 380 4.83 -15.98 15.55
C LEU A 380 6.18 -16.50 15.05
N VAL A 381 6.39 -16.42 13.76
CA VAL A 381 7.69 -16.81 13.19
C VAL A 381 8.51 -15.55 13.03
N PHE A 382 9.81 -15.72 13.13
CA PHE A 382 10.74 -14.60 12.94
C PHE A 382 11.57 -14.90 11.70
N ALA A 383 11.36 -14.12 10.63
CA ALA A 383 12.00 -14.34 9.34
C ALA A 383 13.08 -13.32 9.03
N ARG A 384 14.18 -13.82 8.49
CA ARG A 384 15.29 -13.01 8.00
C ARG A 384 15.04 -12.87 6.50
N LEU A 385 14.64 -11.67 6.09
CA LEU A 385 14.24 -11.39 4.72
C LEU A 385 15.41 -10.99 3.82
N VAL A 386 16.37 -11.91 3.71
CA VAL A 386 17.54 -11.70 2.89
C VAL A 386 17.18 -11.56 1.41
N GLY A 387 16.41 -12.51 0.92
CA GLY A 387 16.04 -12.54 -0.48
C GLY A 387 15.19 -11.34 -0.84
N GLU A 388 14.33 -10.93 0.08
CA GLU A 388 13.41 -9.87 -0.25
C GLU A 388 14.18 -8.56 -0.31
N LEU A 389 15.14 -8.38 0.59
CA LEU A 389 15.88 -7.13 0.55
C LEU A 389 16.69 -7.05 -0.73
N ARG A 390 17.19 -8.18 -1.19
CA ARG A 390 17.96 -8.17 -2.46
C ARG A 390 17.06 -7.73 -3.63
N ILE A 391 15.83 -8.27 -3.65
CA ILE A 391 14.87 -7.87 -4.66
C ILE A 391 14.56 -6.37 -4.57
N ILE A 392 14.28 -5.90 -3.35
CA ILE A 392 13.94 -4.52 -3.14
C ILE A 392 15.07 -3.62 -3.66
N LYS A 393 16.30 -3.96 -3.29
CA LYS A 393 17.41 -3.11 -3.73
C LYS A 393 17.55 -3.09 -5.25
N SER A 394 17.30 -4.24 -5.89
CA SER A 394 17.37 -4.29 -7.33
C SER A 394 16.31 -3.38 -7.98
N VAL A 395 15.10 -3.43 -7.43
CA VAL A 395 13.99 -2.65 -7.96
C VAL A 395 14.25 -1.17 -7.75
N LEU A 396 14.74 -0.81 -6.57
CA LEU A 396 15.05 0.59 -6.28
C LEU A 396 16.16 1.13 -7.20
N GLN A 397 17.14 0.28 -7.50
CA GLN A 397 18.18 0.66 -8.45
C GLN A 397 17.58 0.95 -9.83
N SER A 398 16.65 0.10 -10.26
CA SER A 398 15.98 0.33 -11.54
C SER A 398 15.21 1.65 -11.55
N TRP A 399 14.49 1.92 -10.47
CA TRP A 399 13.70 3.13 -10.42
C TRP A 399 14.65 4.34 -10.50
N LYS A 400 15.73 4.27 -9.71
CA LYS A 400 16.69 5.39 -9.65
C LYS A 400 17.35 5.57 -11.01
N ASN A 401 17.72 4.46 -11.63
CA ASN A 401 18.40 4.52 -12.93
C ASN A 401 17.54 5.06 -14.06
N TRP A 402 16.26 4.64 -14.13
CA TRP A 402 15.41 5.15 -15.20
C TRP A 402 15.06 6.61 -14.95
N ASP A 403 14.86 6.99 -13.69
CA ASP A 403 14.54 8.39 -13.44
C ASP A 403 15.72 9.28 -13.79
N SER A 404 16.92 8.80 -13.46
CA SER A 404 18.16 9.53 -13.77
C SER A 404 18.33 9.67 -15.28
N HIS A 405 18.14 8.56 -15.99
CA HIS A 405 18.23 8.52 -17.47
C HIS A 405 17.32 9.59 -18.08
N LEU A 406 16.06 9.57 -17.70
CA LEU A 406 15.11 10.52 -18.27
C LEU A 406 15.44 11.97 -17.90
N SER A 407 15.78 12.17 -16.63
CA SER A 407 16.05 13.50 -16.08
C SER A 407 17.31 14.09 -16.65
N SER A 408 18.20 13.25 -17.12
CA SER A 408 19.49 13.75 -17.59
C SER A 408 19.48 14.07 -19.08
N ILE A 409 18.41 13.71 -19.78
CA ILE A 409 18.36 13.97 -21.20
C ILE A 409 18.40 15.46 -21.47
N CYS A 410 19.25 15.89 -22.39
CA CYS A 410 19.31 17.29 -22.80
C CYS A 410 18.23 17.45 -23.85
N THR A 411 17.09 18.04 -23.49
CA THR A 411 15.99 18.11 -24.44
C THR A 411 16.21 19.26 -25.40
N PRO A 412 15.57 19.21 -26.56
CA PRO A 412 15.79 20.21 -27.61
C PRO A 412 15.46 21.61 -27.12
N ALA A 413 16.32 22.58 -27.47
CA ALA A 413 16.09 23.95 -27.07
C ALA A 413 14.85 24.45 -27.78
N GLY A 423 22.13 24.94 -26.06
CA GLY A 423 21.18 24.95 -24.96
C GLY A 423 20.32 23.69 -24.80
N CYS A 424 19.94 23.43 -23.54
CA CYS A 424 19.02 22.34 -23.18
C CYS A 424 17.73 22.96 -22.66
N GLY A 425 16.58 22.48 -23.12
CA GLY A 425 15.28 22.98 -22.64
C GLY A 425 14.95 22.32 -21.31
N PRO A 426 13.74 22.50 -20.82
CA PRO A 426 13.33 21.91 -19.53
C PRO A 426 13.50 20.39 -19.53
N ALA A 427 13.76 19.80 -18.37
CA ALA A 427 13.98 18.37 -18.30
C ALA A 427 12.67 17.60 -18.49
N VAL A 428 12.80 16.40 -19.02
CA VAL A 428 11.67 15.50 -19.06
C VAL A 428 11.23 15.25 -17.62
N THR A 429 9.93 15.33 -17.34
CA THR A 429 9.49 15.17 -15.96
C THR A 429 9.35 13.70 -15.59
N THR A 430 9.86 13.34 -14.40
CA THR A 430 9.66 12.01 -13.85
C THR A 430 8.75 12.05 -12.64
N VAL A 431 8.23 13.21 -12.29
CA VAL A 431 7.38 13.29 -11.12
C VAL A 431 6.01 12.72 -11.48
N GLY A 432 5.67 11.65 -10.79
CA GLY A 432 4.40 10.99 -11.06
C GLY A 432 4.49 9.97 -12.17
N LEU A 433 5.69 9.71 -12.68
CA LEU A 433 5.85 8.74 -13.77
C LEU A 433 5.76 7.36 -13.13
N VAL A 434 4.73 6.60 -13.49
CA VAL A 434 4.46 5.37 -12.80
C VAL A 434 4.84 4.14 -13.60
N GLY A 435 4.67 4.24 -14.90
CA GLY A 435 4.97 3.10 -15.79
C GLY A 435 5.48 3.54 -17.15
N PHE A 436 6.22 2.64 -17.81
CA PHE A 436 6.88 3.03 -19.07
C PHE A 436 7.07 1.77 -19.88
N LEU A 437 6.40 1.69 -21.03
CA LEU A 437 6.55 0.54 -21.95
C LEU A 437 7.42 1.01 -23.09
N SER A 438 8.54 0.31 -23.31
CA SER A 438 9.51 0.77 -24.30
C SER A 438 10.14 -0.43 -25.01
N HIS A 439 11.47 -0.52 -24.99
CA HIS A 439 12.11 -1.56 -25.83
C HIS A 439 11.96 -3.02 -25.39
N SER A 440 11.90 -3.27 -24.08
CA SER A 440 11.82 -4.65 -23.61
C SER A 440 10.46 -5.25 -23.77
N ALA A 441 10.44 -6.42 -24.39
CA ALA A 441 9.20 -7.13 -24.57
C ALA A 441 9.50 -8.61 -24.74
N THR A 442 8.59 -9.45 -24.26
CA THR A 442 8.73 -10.88 -24.49
C THR A 442 7.69 -11.26 -25.53
N LYS A 443 7.50 -12.55 -25.79
CA LYS A 443 6.55 -12.91 -26.81
C LYS A 443 5.11 -12.48 -26.47
N THR A 444 4.77 -12.45 -25.19
CA THR A 444 3.40 -12.16 -24.83
C THR A 444 3.25 -10.95 -23.92
N GLU A 445 4.35 -10.28 -23.57
CA GLU A 445 4.22 -9.12 -22.66
C GLU A 445 5.10 -8.00 -23.11
N TRP A 446 4.67 -6.77 -22.79
CA TRP A 446 5.40 -5.53 -23.02
C TRP A 446 5.79 -5.09 -21.60
N GLU A 447 7.11 -5.11 -21.37
CA GLU A 447 7.66 -4.91 -20.03
C GLU A 447 7.72 -3.48 -19.52
N ASP A 448 7.17 -3.28 -18.31
CA ASP A 448 7.28 -2.00 -17.63
C ASP A 448 8.73 -1.79 -17.26
N ALA A 449 9.32 -0.68 -17.68
CA ALA A 449 10.70 -0.38 -17.27
C ALA A 449 10.77 -0.22 -15.76
N TYR A 450 9.68 0.20 -15.15
CA TYR A 450 9.61 0.31 -13.69
C TYR A 450 9.27 -0.99 -12.92
N ARG A 451 9.20 -2.08 -13.67
CA ARG A 451 9.06 -3.44 -13.13
C ARG A 451 7.85 -3.75 -12.30
N CYS A 452 6.84 -2.88 -12.37
CA CYS A 452 5.63 -3.10 -11.55
C CYS A 452 4.46 -3.73 -12.31
N VAL A 453 4.10 -3.23 -13.48
CA VAL A 453 2.93 -3.77 -14.22
C VAL A 453 3.21 -3.94 -15.70
N ASN A 454 3.40 -5.16 -16.18
CA ASN A 454 3.52 -5.30 -17.63
C ASN A 454 2.19 -5.27 -18.36
N ALA A 455 2.27 -5.06 -19.68
CA ALA A 455 1.07 -5.16 -20.50
C ALA A 455 1.15 -6.48 -21.22
N SER A 456 -0.05 -7.10 -21.35
CA SER A 456 -0.17 -8.29 -22.21
C SER A 456 -0.32 -7.91 -23.65
N THR A 457 0.21 -8.75 -24.55
CA THR A 457 0.17 -8.41 -25.96
C THR A 457 -0.38 -9.56 -26.83
N ALA A 458 -0.84 -9.20 -28.00
CA ALA A 458 -1.22 -10.18 -29.04
C ALA A 458 -0.83 -9.61 -30.37
N ASN A 459 -0.40 -10.48 -31.28
CA ASN A 459 -0.02 -10.09 -32.63
C ASN A 459 1.01 -8.96 -32.72
N ALA A 460 2.02 -9.00 -31.86
CA ALA A 460 2.95 -7.89 -31.80
C ALA A 460 4.30 -8.32 -32.27
N GLU A 461 4.98 -7.43 -32.96
CA GLU A 461 6.34 -7.68 -33.37
C GLU A 461 7.17 -6.58 -32.76
N ARG A 462 8.33 -6.98 -32.22
CA ARG A 462 9.22 -6.04 -31.57
C ARG A 462 9.87 -5.10 -32.52
N VAL A 463 9.88 -3.81 -32.22
CA VAL A 463 10.57 -2.81 -33.02
C VAL A 463 11.32 -1.96 -32.03
N PRO A 464 12.18 -1.05 -32.45
CA PRO A 464 12.88 -0.22 -31.48
C PRO A 464 11.91 0.52 -30.58
N ASN A 465 12.11 0.33 -29.27
CA ASN A 465 11.34 1.06 -28.26
C ASN A 465 9.85 0.81 -28.30
N GLY A 466 9.41 -0.28 -28.91
CA GLY A 466 7.98 -0.56 -28.87
C GLY A 466 7.57 -1.78 -29.68
N LEU A 467 6.31 -1.75 -30.11
CA LEU A 467 5.71 -2.90 -30.77
C LEU A 467 4.92 -2.47 -32.01
N LYS A 468 4.92 -3.33 -33.04
CA LYS A 468 4.11 -3.14 -34.23
C LYS A 468 3.01 -4.20 -34.22
N PHE A 469 1.76 -3.74 -34.30
CA PHE A 469 0.61 -4.64 -34.16
C PHE A 469 -0.15 -4.82 -35.46
N ALA A 470 -0.79 -5.98 -35.61
CA ALA A 470 -1.64 -6.21 -36.78
C ALA A 470 -2.69 -7.26 -36.54
N GLY A 471 -3.82 -7.14 -37.22
CA GLY A 471 -4.78 -8.24 -37.19
C GLY A 471 -5.85 -8.16 -36.14
N VAL A 472 -6.95 -8.86 -36.40
CA VAL A 472 -8.01 -8.95 -35.42
C VAL A 472 -7.43 -9.57 -34.16
N GLY A 473 -7.79 -9.01 -33.00
CA GLY A 473 -7.22 -9.44 -31.73
C GLY A 473 -5.89 -8.78 -31.35
N GLY A 474 -5.34 -7.97 -32.26
CA GLY A 474 -4.00 -7.42 -32.01
C GLY A 474 -4.06 -6.29 -31.00
N GLY A 475 -2.94 -6.06 -30.34
CA GLY A 475 -2.84 -4.92 -29.43
C GLY A 475 -2.18 -5.27 -28.13
N ALA A 476 -2.14 -4.29 -27.23
CA ALA A 476 -1.62 -4.51 -25.90
C ALA A 476 -2.65 -4.04 -24.89
N LEU A 477 -2.64 -4.68 -23.72
CA LEU A 477 -3.58 -4.34 -22.66
C LEU A 477 -2.76 -4.11 -21.38
N TRP A 478 -2.89 -2.89 -20.81
CA TRP A 478 -2.13 -2.51 -19.63
C TRP A 478 -3.19 -2.47 -18.52
N PRO A 479 -3.22 -3.47 -17.68
CA PRO A 479 -4.39 -3.64 -16.82
C PRO A 479 -4.51 -2.57 -15.73
N VAL A 480 -5.74 -2.16 -15.49
CA VAL A 480 -6.06 -1.24 -14.39
C VAL A 480 -6.90 -2.05 -13.37
N SER A 481 -8.22 -2.04 -13.43
CA SER A 481 -8.97 -2.90 -12.53
C SER A 481 -8.67 -4.36 -12.89
N GLN A 482 -8.27 -4.63 -14.12
CA GLN A 482 -7.88 -6.02 -14.48
C GLN A 482 -6.63 -6.58 -13.71
N GLN A 483 -5.93 -5.70 -12.99
CA GLN A 483 -4.86 -6.18 -12.11
C GLN A 483 -5.40 -7.10 -11.01
N GLY A 484 -6.68 -6.94 -10.70
CA GLY A 484 -7.40 -7.80 -9.79
C GLY A 484 -7.49 -7.35 -8.36
N GLN A 485 -6.95 -8.17 -7.47
CA GLN A 485 -7.10 -7.91 -6.06
C GLN A 485 -6.39 -6.61 -5.67
N ASN A 486 -5.23 -6.45 -6.24
CA ASN A 486 -4.35 -5.30 -5.90
C ASN A 486 -4.22 -4.42 -7.12
N GLN A 487 -4.71 -3.19 -7.04
CA GLN A 487 -4.91 -2.36 -8.22
C GLN A 487 -4.00 -1.14 -8.09
N ARG A 488 -2.81 -1.29 -8.63
CA ARG A 488 -1.79 -0.27 -8.48
C ARG A 488 -2.08 0.96 -9.29
N TYR A 489 -2.95 0.86 -10.29
CA TYR A 489 -3.24 2.00 -11.16
C TYR A 489 -4.58 2.62 -10.82
N HIS A 490 -5.07 2.36 -9.61
CA HIS A 490 -6.37 2.92 -9.22
C HIS A 490 -6.42 4.44 -9.37
N PHE A 491 -5.25 5.07 -9.20
CA PHE A 491 -5.18 6.53 -9.34
C PHE A 491 -5.74 7.01 -10.64
N ALA A 492 -5.75 6.18 -11.68
CA ALA A 492 -6.13 6.69 -13.00
C ALA A 492 -7.61 7.09 -13.04
N ASN A 493 -8.41 6.54 -12.14
CA ASN A 493 -9.80 6.91 -12.04
C ASN A 493 -10.00 8.34 -11.60
N HIS A 494 -8.94 8.93 -11.10
CA HIS A 494 -8.97 10.32 -10.63
C HIS A 494 -8.20 11.25 -11.53
N ALA A 495 -6.97 10.84 -11.92
CA ALA A 495 -6.23 11.62 -12.88
C ALA A 495 -5.13 10.74 -13.46
N PHE A 496 -4.82 11.02 -14.72
CA PHE A 496 -3.68 10.36 -15.40
C PHE A 496 -3.25 11.09 -16.65
N THR A 497 -2.05 10.78 -17.12
CA THR A 497 -1.64 11.19 -18.46
C THR A 497 -1.05 9.91 -19.09
N LEU A 498 -1.51 9.60 -20.30
CA LEU A 498 -0.93 8.48 -21.05
C LEU A 498 -0.34 9.06 -22.34
N VAL A 499 0.93 8.72 -22.59
CA VAL A 499 1.70 9.31 -23.70
C VAL A 499 2.25 8.21 -24.57
N ALA A 500 2.24 8.42 -25.87
CA ALA A 500 2.85 7.43 -26.77
C ALA A 500 3.19 8.03 -28.12
N SER A 501 4.16 7.42 -28.79
CA SER A 501 4.44 7.79 -30.16
C SER A 501 3.79 6.71 -31.04
N VAL A 502 3.13 7.12 -32.13
CA VAL A 502 2.39 6.15 -32.93
C VAL A 502 2.62 6.37 -34.42
N THR A 503 2.46 5.30 -35.19
CA THR A 503 2.50 5.37 -36.65
C THR A 503 1.45 4.41 -37.21
N ILE A 504 0.62 4.89 -38.15
CA ILE A 504 -0.41 4.06 -38.72
C ILE A 504 0.06 3.54 -40.07
N HIS A 505 -0.05 2.25 -40.28
CA HIS A 505 0.51 1.61 -41.48
C HIS A 505 -0.47 1.35 -42.60
N GLU A 506 -1.75 1.21 -42.25
CA GLU A 506 -2.78 0.94 -43.23
C GLU A 506 -4.02 1.76 -42.90
N VAL A 507 -4.64 2.30 -43.95
CA VAL A 507 -5.89 3.00 -43.79
C VAL A 507 -6.96 1.96 -43.43
N PRO A 508 -7.74 2.20 -42.37
CA PRO A 508 -8.68 1.18 -41.89
C PRO A 508 -9.98 1.14 -42.70
N LYS A 509 -10.74 0.08 -42.52
CA LYS A 509 -12.02 -0.05 -43.20
C LYS A 509 -13.06 0.88 -42.59
N GLY A 510 -12.97 1.15 -41.29
CA GLY A 510 -13.93 2.03 -40.62
C GLY A 510 -13.20 2.91 -39.62
N ALA A 511 -13.50 2.77 -38.32
CA ALA A 511 -12.77 3.46 -37.27
C ALA A 511 -12.01 2.40 -36.48
N SER A 512 -10.74 2.65 -36.17
CA SER A 512 -9.95 1.63 -35.46
C SER A 512 -9.27 2.25 -34.27
N PRO A 513 -9.12 1.47 -33.20
CA PRO A 513 -8.49 1.99 -31.98
C PRO A 513 -6.98 2.15 -32.07
N LEU A 514 -6.49 3.16 -31.37
CA LEU A 514 -5.05 3.37 -31.26
C LEU A 514 -4.56 3.37 -29.81
N LEU A 515 -5.25 4.11 -28.93
CA LEU A 515 -4.82 4.25 -27.53
C LEU A 515 -6.01 4.68 -26.72
N GLY A 516 -6.16 4.18 -25.50
CA GLY A 516 -7.24 4.70 -24.71
C GLY A 516 -7.36 4.05 -23.36
N ALA A 517 -8.27 4.59 -22.57
CA ALA A 517 -8.66 4.02 -21.27
C ALA A 517 -10.06 3.45 -21.42
N SER A 518 -10.20 2.15 -21.16
CA SER A 518 -11.48 1.46 -21.31
C SER A 518 -12.15 1.26 -19.95
N LEU A 519 -13.48 1.41 -19.89
CA LEU A 519 -14.20 1.22 -18.64
C LEU A 519 -14.66 -0.22 -18.53
N ASP A 520 -14.74 -0.93 -19.64
CA ASP A 520 -15.16 -2.32 -19.54
C ASP A 520 -14.11 -3.26 -20.08
N SER A 521 -14.33 -4.56 -20.02
CA SER A 521 -13.26 -5.45 -20.49
C SER A 521 -13.07 -5.46 -21.99
N SER A 522 -14.10 -5.11 -22.75
CA SER A 522 -14.04 -5.22 -24.21
C SER A 522 -13.31 -4.09 -24.89
N GLY A 523 -13.38 -2.91 -24.27
CA GLY A 523 -12.89 -1.70 -24.90
C GLY A 523 -13.98 -0.90 -25.55
N GLY A 524 -15.20 -1.44 -25.55
CA GLY A 524 -16.30 -0.78 -26.22
C GLY A 524 -16.89 0.36 -25.44
N LYS A 525 -16.68 0.33 -24.13
CA LYS A 525 -17.15 1.41 -23.27
C LYS A 525 -15.91 2.17 -22.83
N LYS A 526 -15.68 3.33 -23.42
CA LYS A 526 -14.44 4.02 -23.15
C LYS A 526 -14.61 5.17 -22.19
N LEU A 527 -13.54 5.44 -21.42
CA LEU A 527 -13.49 6.69 -20.63
C LEU A 527 -12.92 7.79 -21.53
N LEU A 528 -11.78 7.51 -22.18
CA LEU A 528 -11.11 8.48 -23.05
C LEU A 528 -10.25 7.71 -23.99
N GLY A 529 -10.39 7.95 -25.29
CA GLY A 529 -9.55 7.21 -26.22
C GLY A 529 -9.32 7.95 -27.51
N LEU A 530 -8.44 7.38 -28.32
CA LEU A 530 -8.18 7.93 -29.65
C LEU A 530 -8.30 6.79 -30.66
N SER A 531 -9.10 7.02 -31.70
CA SER A 531 -9.19 6.10 -32.83
C SER A 531 -8.86 6.88 -34.10
N TYR A 532 -8.77 6.17 -35.21
CA TYR A 532 -8.42 6.82 -36.48
C TYR A 532 -9.33 6.16 -37.52
N ASP A 533 -9.67 6.90 -38.58
CA ASP A 533 -10.66 6.36 -39.52
C ASP A 533 -10.30 6.33 -41.01
N LYS A 534 -11.23 5.80 -41.79
CA LYS A 534 -10.99 5.59 -43.23
C LYS A 534 -10.86 6.87 -44.02
N ARG A 535 -11.25 7.98 -43.43
CA ARG A 535 -11.13 9.28 -44.08
C ARG A 535 -9.92 10.05 -43.59
N HIS A 536 -8.95 9.33 -43.01
CA HIS A 536 -7.72 9.97 -42.55
C HIS A 536 -7.91 11.01 -41.45
N GLN A 537 -8.93 10.83 -40.60
CA GLN A 537 -9.11 11.77 -39.50
C GLN A 537 -8.95 11.06 -38.16
N TRP A 538 -8.66 11.83 -37.13
CA TRP A 538 -8.65 11.29 -35.77
C TRP A 538 -10.07 11.19 -35.24
N GLN A 539 -10.30 10.22 -34.37
CA GLN A 539 -11.62 10.11 -33.72
C GLN A 539 -11.34 10.06 -32.22
N PRO A 540 -11.26 11.21 -31.56
CA PRO A 540 -11.11 11.20 -30.11
C PRO A 540 -12.46 10.86 -29.50
N ILE A 541 -12.43 10.08 -28.42
CA ILE A 541 -13.65 9.57 -27.84
C ILE A 541 -13.69 10.02 -26.40
N TYR A 542 -14.73 10.76 -26.07
CA TYR A 542 -14.87 11.29 -24.76
C TYR A 542 -16.01 10.59 -24.09
N GLY A 543 -15.71 9.62 -23.23
CA GLY A 543 -16.77 8.91 -22.54
C GLY A 543 -17.74 8.29 -23.54
N SER A 544 -19.03 8.40 -23.26
CA SER A 544 -20.03 7.85 -24.16
C SER A 544 -20.61 8.93 -25.07
N THR A 545 -19.97 10.10 -25.07
CA THR A 545 -20.34 11.21 -25.93
C THR A 545 -20.20 10.90 -27.42
N PRO A 546 -21.11 11.42 -28.21
CA PRO A 546 -21.05 11.28 -29.67
C PRO A 546 -19.69 11.73 -30.19
N VAL A 547 -19.07 10.89 -31.02
CA VAL A 547 -17.73 11.13 -31.58
C VAL A 547 -17.76 12.06 -32.75
N THR A 548 -16.92 13.09 -32.72
CA THR A 548 -16.77 13.94 -33.89
C THR A 548 -15.36 13.78 -34.45
N PRO A 549 -15.23 13.22 -35.64
CA PRO A 549 -13.91 13.13 -36.28
C PRO A 549 -13.29 14.50 -36.49
N THR A 550 -11.97 14.58 -36.41
CA THR A 550 -11.34 15.87 -36.54
C THR A 550 -9.90 15.71 -36.98
N GLY A 551 -9.34 16.78 -37.53
CA GLY A 551 -7.98 16.81 -38.02
C GLY A 551 -7.67 15.85 -39.15
N SER A 552 -6.39 15.55 -39.30
CA SER A 552 -5.99 14.66 -40.36
C SER A 552 -4.63 14.09 -40.08
N TRP A 553 -4.47 12.86 -40.52
CA TRP A 553 -3.19 12.21 -40.45
C TRP A 553 -2.82 11.56 -41.78
N GLU A 554 -1.54 11.22 -41.89
CA GLU A 554 -0.97 10.61 -43.09
C GLU A 554 -0.44 9.22 -42.77
N MET A 555 -0.72 8.24 -43.64
CA MET A 555 -0.21 6.92 -43.43
C MET A 555 1.31 6.93 -43.40
N GLY A 556 1.89 6.21 -42.44
CA GLY A 556 3.35 6.09 -42.34
C GLY A 556 4.08 7.19 -41.63
N LYS A 557 3.37 8.24 -41.23
CA LYS A 557 3.95 9.35 -40.52
C LYS A 557 3.79 9.14 -39.01
N ARG A 558 4.84 9.46 -38.27
CA ARG A 558 4.87 9.27 -36.83
C ARG A 558 4.24 10.47 -36.10
N TYR A 559 3.35 10.18 -35.18
CA TYR A 559 2.71 11.22 -34.41
C TYR A 559 2.92 10.97 -32.92
N HIS A 560 2.86 12.03 -32.14
CA HIS A 560 2.99 11.96 -30.68
C HIS A 560 1.59 12.17 -30.11
N VAL A 561 1.14 11.26 -29.23
CA VAL A 561 -0.23 11.30 -28.70
C VAL A 561 -0.16 11.49 -27.20
N VAL A 562 -0.99 12.38 -26.66
CA VAL A 562 -1.12 12.50 -25.22
C VAL A 562 -2.58 12.48 -24.86
N LEU A 563 -2.95 11.64 -23.90
CA LEU A 563 -4.32 11.65 -23.36
C LEU A 563 -4.22 12.07 -21.93
N THR A 564 -5.01 13.07 -21.53
CA THR A 564 -4.98 13.49 -20.14
C THR A 564 -6.39 13.47 -19.58
N MET A 565 -6.49 13.13 -18.31
CA MET A 565 -7.75 13.24 -17.61
C MET A 565 -7.51 13.75 -16.20
N ALA A 566 -8.21 14.83 -15.82
CA ALA A 566 -8.21 15.27 -14.42
C ALA A 566 -9.44 16.13 -14.27
N ASN A 567 -10.00 16.20 -13.07
CA ASN A 567 -11.21 17.03 -12.85
C ASN A 567 -12.34 16.62 -13.76
N LYS A 568 -12.43 15.33 -13.97
CA LYS A 568 -13.47 14.73 -14.80
C LYS A 568 -13.43 15.19 -16.26
N ILE A 569 -12.31 15.76 -16.67
CA ILE A 569 -12.17 16.23 -18.04
C ILE A 569 -11.02 15.55 -18.76
N GLY A 570 -11.31 15.08 -19.98
CA GLY A 570 -10.32 14.45 -20.84
C GLY A 570 -9.87 15.31 -22.01
N SER A 571 -8.59 15.24 -22.34
CA SER A 571 -8.09 15.95 -23.49
C SER A 571 -7.20 15.02 -24.28
N VAL A 572 -7.06 15.34 -25.57
CA VAL A 572 -6.26 14.58 -26.51
C VAL A 572 -5.34 15.56 -27.24
N TYR A 573 -4.05 15.27 -27.22
CA TYR A 573 -3.05 16.11 -27.89
C TYR A 573 -2.41 15.30 -28.97
N ILE A 574 -2.19 15.90 -30.15
CA ILE A 574 -1.52 15.24 -31.25
C ILE A 574 -0.37 16.19 -31.57
N ASP A 575 0.86 15.67 -31.52
CA ASP A 575 2.06 16.50 -31.74
C ASP A 575 2.17 17.71 -30.82
N GLY A 576 1.73 17.49 -29.57
CA GLY A 576 1.81 18.50 -28.53
C GLY A 576 0.67 19.48 -28.55
N GLU A 577 -0.26 19.34 -29.49
CA GLU A 577 -1.38 20.28 -29.55
C GLU A 577 -2.75 19.62 -29.40
N PRO A 578 -3.64 20.24 -28.64
CA PRO A 578 -4.99 19.69 -28.47
C PRO A 578 -5.76 19.59 -29.76
N LEU A 579 -6.51 18.51 -29.91
CA LEU A 579 -7.39 18.41 -31.05
C LEU A 579 -8.46 19.46 -30.86
N GLU A 580 -9.01 19.94 -31.96
CA GLU A 580 -10.10 20.88 -31.88
C GLU A 580 -11.20 20.22 -31.07
N GLY A 581 -11.78 20.97 -30.15
CA GLY A 581 -12.93 20.46 -29.42
C GLY A 581 -12.58 19.52 -28.29
N SER A 582 -11.31 19.47 -27.90
CA SER A 582 -10.91 18.59 -26.80
C SER A 582 -11.19 19.26 -25.46
N GLY A 583 -10.93 18.59 -24.33
CA GLY A 583 -11.26 19.16 -23.05
C GLY A 583 -12.74 18.98 -22.76
N GLN A 584 -13.21 17.75 -22.86
CA GLN A 584 -14.62 17.43 -22.64
C GLN A 584 -14.84 16.59 -21.39
N THR A 585 -16.06 16.62 -20.86
CA THR A 585 -16.37 15.86 -19.70
C THR A 585 -16.40 14.39 -20.03
N VAL A 586 -15.65 13.60 -19.25
CA VAL A 586 -15.68 12.15 -19.53
C VAL A 586 -16.21 11.36 -18.34
N VAL A 587 -16.48 12.02 -17.22
CA VAL A 587 -17.07 11.37 -16.04
C VAL A 587 -18.36 12.11 -15.82
N PRO A 588 -19.47 11.50 -16.18
CA PRO A 588 -20.76 12.16 -16.05
C PRO A 588 -21.14 11.77 -14.64
N ASP A 589 -21.85 12.59 -13.91
CA ASP A 589 -22.29 12.18 -12.56
C ASP A 589 -21.19 11.91 -11.49
N GLU A 590 -21.66 11.71 -10.26
CA GLU A 590 -20.80 11.65 -9.09
C GLU A 590 -20.02 10.36 -8.88
N ARG A 591 -20.36 9.32 -9.63
CA ARG A 591 -19.69 8.04 -9.45
C ARG A 591 -18.25 8.09 -9.97
N THR A 592 -17.33 7.52 -9.21
CA THR A 592 -15.95 7.42 -9.64
C THR A 592 -15.84 6.35 -10.73
N PRO A 593 -15.10 6.64 -11.80
CA PRO A 593 -14.89 5.64 -12.86
C PRO A 593 -14.20 4.43 -12.26
N ASP A 594 -14.32 3.32 -12.97
CA ASP A 594 -13.60 2.13 -12.63
C ASP A 594 -12.95 1.63 -13.91
N ILE A 595 -11.81 2.21 -14.27
CA ILE A 595 -11.13 1.84 -15.50
C ILE A 595 -10.69 0.37 -15.47
N SER A 596 -10.97 -0.35 -16.54
CA SER A 596 -10.60 -1.77 -16.69
C SER A 596 -9.13 -1.90 -17.10
N HIS A 597 -8.73 -1.15 -18.13
CA HIS A 597 -7.38 -1.21 -18.64
C HIS A 597 -7.14 -0.10 -19.62
N PHE A 598 -5.87 0.13 -19.92
CA PHE A 598 -5.50 0.94 -21.05
C PHE A 598 -5.32 -0.04 -22.23
N TYR A 599 -5.82 0.33 -23.39
CA TYR A 599 -5.55 -0.44 -24.63
C TYR A 599 -4.58 0.36 -25.48
N VAL A 600 -3.66 -0.35 -26.13
CA VAL A 600 -2.64 0.32 -26.92
C VAL A 600 -2.47 -0.45 -28.23
N GLY A 601 -2.62 0.21 -29.37
CA GLY A 601 -2.32 -0.46 -30.64
C GLY A 601 -3.34 -1.46 -31.09
N GLY A 602 -4.53 -1.41 -30.51
CA GLY A 602 -5.62 -2.33 -30.80
C GLY A 602 -6.37 -2.58 -29.51
N TYR A 603 -7.45 -3.36 -29.55
CA TYR A 603 -8.17 -3.69 -28.33
C TYR A 603 -7.61 -4.91 -27.61
N LYS A 604 -6.74 -5.65 -28.30
CA LYS A 604 -6.26 -6.94 -27.84
C LYS A 604 -7.47 -7.83 -27.55
N ARG A 605 -8.49 -7.75 -28.38
CA ARG A 605 -9.66 -8.59 -28.18
C ARG A 605 -10.05 -9.19 -29.51
N SER A 606 -9.94 -10.51 -29.60
CA SER A 606 -10.18 -11.20 -30.84
C SER A 606 -11.66 -11.12 -31.19
N GLY A 607 -12.49 -10.75 -30.19
CA GLY A 607 -13.92 -10.57 -30.37
C GLY A 607 -14.34 -9.22 -30.90
N MET A 608 -13.43 -8.24 -30.90
CA MET A 608 -13.73 -6.98 -31.53
C MET A 608 -13.17 -7.18 -32.94
N PRO A 609 -13.96 -6.82 -33.95
CA PRO A 609 -13.61 -7.10 -35.35
C PRO A 609 -12.58 -6.15 -35.94
N THR A 610 -12.13 -5.14 -35.19
CA THR A 610 -11.19 -4.18 -35.78
C THR A 610 -9.81 -4.77 -35.98
N ASP A 611 -9.07 -4.15 -36.89
CA ASP A 611 -7.73 -4.58 -37.21
C ASP A 611 -6.91 -3.31 -37.31
N SER A 612 -6.21 -2.97 -36.23
CA SER A 612 -5.38 -1.78 -36.25
C SER A 612 -3.95 -2.17 -36.68
N ARG A 613 -3.44 -1.57 -37.76
CA ARG A 613 -2.08 -1.89 -38.21
C ARG A 613 -1.26 -0.69 -37.87
N VAL A 614 -0.59 -0.76 -36.73
CA VAL A 614 0.08 0.42 -36.22
C VAL A 614 1.29 0.05 -35.38
N THR A 615 2.21 1.00 -35.25
CA THR A 615 3.35 0.83 -34.36
C THR A 615 3.22 1.85 -33.25
N VAL A 616 3.50 1.42 -32.02
CA VAL A 616 3.47 2.32 -30.88
C VAL A 616 4.77 2.17 -30.14
N ASN A 617 5.37 3.29 -29.74
CA ASN A 617 6.61 3.24 -28.99
C ASN A 617 6.52 4.12 -27.76
N ASN A 618 7.28 3.77 -26.74
CA ASN A 618 7.48 4.59 -25.55
C ASN A 618 6.19 5.09 -24.91
N VAL A 619 5.43 4.17 -24.31
CA VAL A 619 4.18 4.54 -23.65
C VAL A 619 4.46 4.92 -22.21
N LEU A 620 4.15 6.16 -21.84
CA LEU A 620 4.38 6.60 -20.45
C LEU A 620 3.06 6.78 -19.75
N LEU A 621 3.00 6.39 -18.49
CA LEU A 621 1.82 6.63 -17.68
C LEU A 621 2.16 7.45 -16.45
N TYR A 622 1.50 8.60 -16.27
CA TYR A 622 1.69 9.43 -15.08
C TYR A 622 0.42 9.46 -14.25
N ASN A 623 0.58 9.69 -12.94
CA ASN A 623 -0.55 9.71 -12.02
C ASN A 623 -1.14 11.12 -11.80
N ARG A 624 -0.92 11.99 -12.77
CA ARG A 624 -1.46 13.34 -12.69
C ARG A 624 -1.62 13.86 -14.09
N GLN A 625 -2.31 15.00 -14.23
CA GLN A 625 -2.41 15.65 -15.54
C GLN A 625 -1.20 16.54 -15.79
N LEU A 626 -0.39 16.21 -16.79
CA LEU A 626 0.81 16.97 -17.08
C LEU A 626 0.38 18.34 -17.57
N ASN A 627 1.22 19.33 -17.29
CA ASN A 627 1.01 20.66 -17.82
C ASN A 627 1.58 20.82 -19.25
N ALA A 628 1.31 22.01 -19.80
CA ALA A 628 1.62 22.33 -21.18
C ALA A 628 3.10 22.13 -21.51
N GLU A 629 3.94 22.68 -20.63
CA GLU A 629 5.38 22.59 -20.84
C GLU A 629 5.87 21.16 -20.78
N GLU A 630 5.28 20.39 -19.87
CA GLU A 630 5.70 19.02 -19.74
C GLU A 630 5.28 18.25 -20.98
N ILE A 631 4.08 18.51 -21.51
CA ILE A 631 3.63 17.81 -22.72
C ILE A 631 4.50 18.24 -23.92
N ARG A 632 4.78 19.52 -24.02
CA ARG A 632 5.69 20.03 -25.06
C ARG A 632 7.07 19.36 -25.01
N THR A 633 7.62 19.23 -23.82
CA THR A 633 8.91 18.61 -23.67
C THR A 633 8.89 17.16 -24.10
N LEU A 634 7.85 16.43 -23.70
CA LEU A 634 7.78 15.02 -24.08
C LEU A 634 7.70 14.89 -25.59
N PHE A 635 6.92 15.77 -26.20
CA PHE A 635 6.77 15.74 -27.65
C PHE A 635 8.14 15.98 -28.31
N LEU A 636 8.82 17.05 -27.90
CA LEU A 636 10.10 17.38 -28.49
C LEU A 636 11.18 16.32 -28.24
N SER A 637 11.06 15.55 -27.15
CA SER A 637 12.10 14.63 -26.75
C SER A 637 11.77 13.20 -27.09
N GLN A 638 10.72 13.01 -27.87
CA GLN A 638 10.22 11.64 -28.04
C GLN A 638 11.22 10.64 -28.60
N ASP A 639 12.22 11.12 -29.35
CA ASP A 639 13.25 10.23 -29.85
C ASP A 639 14.47 10.06 -28.95
N LEU A 640 14.43 10.66 -27.77
CA LEU A 640 15.53 10.56 -26.83
C LEU A 640 15.21 9.68 -25.63
N ILE A 641 13.92 9.41 -25.38
CA ILE A 641 13.55 8.73 -24.12
C ILE A 641 13.58 7.19 -24.07
N GLY A 642 13.68 6.54 -25.22
CA GLY A 642 13.61 5.08 -25.21
C GLY A 642 14.66 4.33 -24.41
N THR A 643 14.34 3.09 -24.03
CA THR A 643 15.29 2.29 -23.27
C THR A 643 16.23 1.45 -24.15
N GLU A 644 16.03 1.49 -25.46
CA GLU A 644 16.78 0.67 -26.42
C GLU A 644 18.27 0.52 -26.18
N ALA A 645 18.95 1.63 -25.98
CA ALA A 645 20.41 1.49 -25.87
C ALA A 645 20.89 1.08 -24.48
N HIS A 646 19.98 1.06 -23.49
CA HIS A 646 20.38 0.79 -22.10
C HIS A 646 19.91 -0.54 -21.49
O16 MUS B . -13.13 -5.45 15.62
C16 MUS B . -12.92 -6.49 14.67
C15 MUS B . -11.44 -6.88 14.61
O15 MUS B . -10.68 -5.81 14.10
C14 MUS B . -10.98 -7.17 16.03
O14 MUS B . -11.96 -8.02 16.61
C13 MUS B . -9.59 -7.83 16.03
O13 MUS B . -9.71 -8.87 15.08
C12 MUS B . -9.20 -8.36 17.42
N12 MUS B . -9.14 -7.31 18.45
C17 MUS B . -10.12 -7.18 19.33
C18 MUS B . -9.91 -6.18 20.42
O17 MUS B . -11.19 -7.84 19.27
C11 MUS B . -7.83 -9.07 17.34
O11 MUS B . -7.90 -10.21 18.19
C10 MUS B . -7.56 -9.62 15.94
C9 MUS B . -8.83 -9.95 15.18
C19 MUS B . -8.48 -10.41 13.77
O19 MUS B . -8.94 -9.82 12.77
O20 MUS B . -7.73 -11.38 13.66
O9 MUS B . -9.53 -11.02 15.81
C7 MUS B . -10.59 -11.64 15.19
C6 MUS B . -11.89 -11.15 15.24
C8 MUS B . -10.34 -12.93 14.77
C8A MUS B . -11.39 -13.72 14.32
C4A MUS B . -12.75 -13.21 14.35
C5 MUS B . -13.00 -11.93 14.86
O1 MUS B . -11.10 -14.97 13.83
C2 MUS B . -12.12 -15.78 13.35
O2 MUS B . -11.79 -16.90 12.91
C3 MUS B . -13.46 -15.37 13.35
C4 MUS B . -13.82 -14.11 13.84
CM4 MUS B . -15.21 -13.63 13.85
#